data_5A29
#
_entry.id   5A29
#
_cell.length_a   141.102
_cell.length_b   141.102
_cell.length_c   72.426
_cell.angle_alpha   90.00
_cell.angle_beta   90.00
_cell.angle_gamma   120.00
#
_symmetry.space_group_name_H-M   'P 65'
#
loop_
_entity.id
_entity.type
_entity.pdbx_description
1 polymer 'EXOPOLYGALACTURONATE LYASE'
2 polymer 'PECTATE LYASE'
3 non-polymer 'MANGANESE (II) ION'
4 non-polymer 'S,R MESO-TARTARIC ACID'
5 non-polymer 1,2-ETHANEDIOL
6 water water
#
loop_
_entity_poly.entity_id
_entity_poly.type
_entity_poly.pdbx_seq_one_letter_code
_entity_poly.pdbx_strand_id
1 'polypeptide(L)'
;MGSSHHHHHHSSGLVPRGSHAMADYTEQDAMRVQAVKTYIDNVLQEGRSQIKTTPLLADGINTTTRKPVEWIYPDGRTAT
ISNFANQQNFLRALTAMSVVTEDQRYQLEAVRITRYFMDNFIADNGLFYWGGHRFVNLDTLELEGPQNKNSVHELKNHYP
YYPFLYHVDPHATERYIKAFWQAHVEDWQSLDMGRHGSYSKNYDDKVFHRPIPASLVDQSKLPIMPETKGLTFINAGSDL
IYAAYQLDWLAPSANAQGSAAWGQYLMTQYKLAKHPKTGAPVYQFTSPKKREWPPQSDKDTNSKYGDRAARQFGPELGNI
AREGNVLFKSNDKSIVFNNALIELHLAEQRNDAAIREQVVDALLNFYRLAYNPENGTIKPIFSDGTSIEGIPLARDGYYG
PKGRVFNAHKPKTEEYLLPILRAYRLQADPELWQLAANMTHHYGWGSLGNDAKAKPTLNMQLSSVSPMTLFSAIELYQIT
QQPEYLEFARAAADKLVEKRFVRGYFLANPRYLNASIDAIEPLALLTLDATLKGKTAQVAPYLSGSGYIHGEFAGKENAY
DTNEIYKQTR
;
A
2 'polypeptide(L)' HHHHHHHSSGLVPRGSHA B
#
# COMPACT_ATOMS: atom_id res chain seq x y z
N ALA A 23 -0.43 -29.36 11.41
CA ALA A 23 -0.46 -29.04 12.88
C ALA A 23 -1.59 -29.78 13.69
N ASP A 24 -1.22 -30.21 14.91
CA ASP A 24 -2.11 -30.53 16.01
C ASP A 24 -2.83 -29.24 16.52
N TYR A 25 -4.09 -29.18 16.22
CA TYR A 25 -4.86 -27.98 16.40
C TYR A 25 -5.41 -27.96 17.85
N THR A 26 -5.63 -26.75 18.39
CA THR A 26 -6.06 -26.65 19.81
C THR A 26 -7.22 -25.72 19.91
N GLU A 27 -7.81 -25.75 21.10
CA GLU A 27 -8.92 -24.86 21.38
C GLU A 27 -8.46 -23.39 21.21
N GLN A 28 -7.24 -23.08 21.59
CA GLN A 28 -6.75 -21.68 21.40
C GLN A 28 -6.72 -21.28 19.94
N ASP A 29 -6.27 -22.19 19.08
CA ASP A 29 -6.36 -21.90 17.61
C ASP A 29 -7.76 -21.64 17.15
N ALA A 30 -8.70 -22.47 17.60
CA ALA A 30 -10.10 -22.27 17.25
C ALA A 30 -10.63 -20.92 17.74
N MET A 31 -10.19 -20.52 18.94
CA MET A 31 -10.76 -19.29 19.50
C MET A 31 -10.32 -18.07 18.67
N ARG A 32 -9.16 -18.15 18.02
CA ARG A 32 -8.73 -17.03 17.18
C ARG A 32 -9.59 -17.02 15.94
N VAL A 33 -9.91 -18.18 15.41
CA VAL A 33 -10.82 -18.18 14.25
C VAL A 33 -12.21 -17.67 14.65
N GLN A 34 -12.63 -17.97 15.86
CA GLN A 34 -13.93 -17.48 16.28
C GLN A 34 -13.94 -15.94 16.47
N ALA A 35 -12.82 -15.35 16.95
CA ALA A 35 -12.75 -13.87 16.97
C ALA A 35 -13.02 -13.29 15.57
N VAL A 36 -12.36 -13.87 14.58
CA VAL A 36 -12.56 -13.42 13.20
C VAL A 36 -13.98 -13.65 12.70
N LYS A 37 -14.55 -14.81 13.03
CA LYS A 37 -15.98 -15.04 12.64
C LYS A 37 -16.93 -14.03 13.29
N THR A 38 -16.67 -13.68 14.57
CA THR A 38 -17.45 -12.66 15.24
C THR A 38 -17.32 -11.29 14.55
N TYR A 39 -16.10 -10.92 14.26
CA TYR A 39 -15.86 -9.67 13.49
C TYR A 39 -16.59 -9.69 12.19
N ILE A 40 -16.44 -10.78 11.41
CA ILE A 40 -17.14 -10.82 10.12
C ILE A 40 -18.66 -10.65 10.29
N ASP A 41 -19.23 -11.37 11.29
CA ASP A 41 -20.67 -11.27 11.57
C ASP A 41 -21.08 -9.84 11.91
N ASN A 42 -20.27 -9.15 12.71
CA ASN A 42 -20.50 -7.77 13.09
C ASN A 42 -20.49 -6.86 11.86
N VAL A 43 -19.46 -7.01 11.02
CA VAL A 43 -19.39 -6.17 9.84
C VAL A 43 -20.59 -6.37 8.95
N LEU A 44 -20.96 -7.62 8.70
CA LEU A 44 -22.05 -7.89 7.73
C LEU A 44 -23.44 -7.44 8.25
N GLN A 45 -23.55 -7.35 9.57
CA GLN A 45 -24.79 -6.83 10.25
C GLN A 45 -24.73 -5.35 10.45
N GLU A 46 -23.81 -4.88 11.28
CA GLU A 46 -23.74 -3.49 11.64
C GLU A 46 -23.28 -2.60 10.48
N GLY A 47 -22.59 -3.20 9.49
CA GLY A 47 -22.11 -2.40 8.36
C GLY A 47 -23.14 -2.28 7.23
N ARG A 48 -24.38 -2.75 7.44
CA ARG A 48 -25.47 -2.62 6.44
C ARG A 48 -26.42 -1.47 6.86
N SER A 49 -26.88 -0.67 5.89
CA SER A 49 -27.70 0.52 6.19
C SER A 49 -29.10 0.00 6.64
N GLN A 50 -29.68 0.60 7.68
CA GLN A 50 -31.09 0.28 8.02
C GLN A 50 -32.04 1.16 7.21
N ILE A 51 -31.51 2.22 6.58
CA ILE A 51 -32.30 3.20 5.85
C ILE A 51 -32.66 2.60 4.51
N LYS A 52 -31.69 1.99 3.84
CA LYS A 52 -31.92 1.30 2.56
C LYS A 52 -31.02 0.09 2.46
N THR A 53 -31.59 -1.09 2.46
CA THR A 53 -30.68 -2.22 2.68
C THR A 53 -30.31 -2.77 1.32
N THR A 54 -29.01 -2.94 1.09
CA THR A 54 -28.45 -3.41 -0.20
C THR A 54 -27.25 -4.27 0.25
N PRO A 55 -26.60 -4.98 -0.69
CA PRO A 55 -25.36 -5.65 -0.29
C PRO A 55 -24.18 -4.72 0.07
N LEU A 56 -24.26 -3.41 -0.21
CA LEU A 56 -23.11 -2.56 0.08
C LEU A 56 -22.73 -2.57 1.56
N LEU A 57 -21.47 -2.30 1.86
CA LEU A 57 -20.96 -2.26 3.22
C LEU A 57 -20.49 -0.88 3.57
N ALA A 58 -20.63 -0.52 4.85
CA ALA A 58 -20.02 0.64 5.41
C ALA A 58 -18.47 0.46 5.37
N ASP A 59 -17.74 1.54 5.18
CA ASP A 59 -16.27 1.49 5.41
C ASP A 59 -15.88 1.29 6.85
N GLY A 60 -16.69 1.79 7.79
CA GLY A 60 -16.25 1.84 9.18
C GLY A 60 -17.51 1.80 10.09
N ILE A 61 -17.32 1.39 11.34
CA ILE A 61 -18.43 1.26 12.32
C ILE A 61 -18.07 1.98 13.56
N ASN A 62 -19.01 2.81 14.07
CA ASN A 62 -18.80 3.47 15.36
C ASN A 62 -18.93 2.40 16.47
N THR A 63 -17.95 2.22 17.35
CA THR A 63 -18.04 1.03 18.19
C THR A 63 -18.92 1.24 19.47
N THR A 64 -19.34 2.47 19.70
CA THR A 64 -20.27 2.80 20.81
C THR A 64 -21.67 2.73 20.28
N THR A 65 -21.97 3.47 19.21
CA THR A 65 -23.33 3.43 18.63
C THR A 65 -23.69 2.19 17.82
N ARG A 66 -22.67 1.51 17.30
CA ARG A 66 -22.84 0.41 16.35
C ARG A 66 -23.36 0.78 14.97
N LYS A 67 -23.16 2.04 14.60
CA LYS A 67 -23.70 2.59 13.34
C LYS A 67 -22.51 2.82 12.39
N PRO A 68 -22.77 2.72 11.08
CA PRO A 68 -21.74 3.11 10.05
C PRO A 68 -21.30 4.55 10.14
N VAL A 69 -20.02 4.78 9.86
CA VAL A 69 -19.42 6.10 10.06
C VAL A 69 -19.87 7.04 8.93
N GLU A 70 -19.71 8.35 9.17
CA GLU A 70 -20.24 9.38 8.28
C GLU A 70 -19.20 10.38 7.86
N TRP A 71 -19.22 10.78 6.59
CA TRP A 71 -18.50 12.02 6.20
C TRP A 71 -19.38 13.20 6.61
N ILE A 72 -18.78 14.22 7.23
CA ILE A 72 -19.50 15.44 7.55
C ILE A 72 -19.01 16.57 6.63
N TYR A 73 -19.91 17.07 5.79
CA TYR A 73 -19.57 18.21 4.92
C TYR A 73 -19.49 19.58 5.61
N PRO A 74 -18.83 20.57 4.97
CA PRO A 74 -18.78 21.86 5.67
C PRO A 74 -20.18 22.45 6.01
N ASP A 75 -21.21 22.17 5.21
CA ASP A 75 -22.54 22.77 5.45
C ASP A 75 -23.29 21.94 6.52
N GLY A 76 -22.69 20.85 6.96
CA GLY A 76 -23.16 20.10 8.10
C GLY A 76 -23.94 18.89 7.66
N ARG A 77 -24.21 18.77 6.36
CA ARG A 77 -24.79 17.55 5.82
C ARG A 77 -23.86 16.35 6.10
N THR A 78 -24.44 15.20 6.37
CA THR A 78 -23.67 13.97 6.66
C THR A 78 -24.02 12.92 5.62
N ALA A 79 -23.01 12.16 5.21
CA ALA A 79 -23.25 11.04 4.31
C ALA A 79 -22.52 9.80 4.83
N THR A 80 -23.28 8.73 4.98
CA THR A 80 -22.72 7.47 5.44
C THR A 80 -21.83 6.91 4.33
N ILE A 81 -20.61 6.50 4.69
CA ILE A 81 -19.56 6.19 3.66
C ILE A 81 -19.61 4.72 3.26
N SER A 82 -19.79 4.45 1.97
CA SER A 82 -19.40 3.15 1.40
C SER A 82 -18.36 3.35 0.25
N ASN A 83 -17.09 3.00 0.51
CA ASN A 83 -16.01 3.21 -0.48
C ASN A 83 -15.36 1.86 -0.69
N PHE A 84 -15.68 1.22 -1.82
CA PHE A 84 -15.26 -0.12 -2.14
C PHE A 84 -13.74 -0.22 -2.22
N ALA A 85 -13.04 0.90 -2.48
CA ALA A 85 -11.55 0.90 -2.52
C ALA A 85 -10.93 0.67 -1.08
N ASN A 86 -11.73 0.93 -0.04
CA ASN A 86 -11.32 0.78 1.36
C ASN A 86 -11.81 -0.56 1.99
N GLN A 87 -12.26 -1.50 1.16
CA GLN A 87 -12.89 -2.74 1.64
C GLN A 87 -12.24 -3.93 1.01
N GLN A 88 -11.15 -3.73 0.27
CA GLN A 88 -10.54 -4.89 -0.44
C GLN A 88 -9.97 -5.91 0.55
N ASN A 89 -9.45 -5.43 1.68
CA ASN A 89 -8.93 -6.38 2.65
C ASN A 89 -10.01 -7.17 3.37
N PHE A 90 -11.18 -6.58 3.48
CA PHE A 90 -12.34 -7.37 3.98
C PHE A 90 -12.79 -8.45 3.00
N LEU A 91 -12.79 -8.15 1.68
CA LEU A 91 -12.96 -9.20 0.67
C LEU A 91 -11.95 -10.33 0.84
N ARG A 92 -10.69 -9.98 1.04
CA ARG A 92 -9.68 -10.98 1.24
C ARG A 92 -9.94 -11.79 2.53
N ALA A 93 -10.42 -11.15 3.60
CA ALA A 93 -10.73 -11.93 4.83
C ALA A 93 -11.88 -12.88 4.58
N LEU A 94 -12.91 -12.45 3.83
CA LEU A 94 -14.08 -13.35 3.51
C LEU A 94 -13.61 -14.55 2.73
N THR A 95 -12.83 -14.32 1.67
CA THR A 95 -12.39 -15.48 0.90
C THR A 95 -11.44 -16.33 1.72
N ALA A 96 -10.57 -15.71 2.55
CA ALA A 96 -9.72 -16.51 3.43
C ALA A 96 -10.55 -17.39 4.42
N MET A 97 -11.62 -16.82 4.95
CA MET A 97 -12.44 -17.55 5.95
C MET A 97 -13.09 -18.78 5.26
N SER A 98 -13.52 -18.62 4.01
CA SER A 98 -14.05 -19.82 3.31
C SER A 98 -12.96 -20.86 3.09
N VAL A 99 -11.73 -20.43 2.80
CA VAL A 99 -10.63 -21.40 2.62
C VAL A 99 -10.40 -22.18 3.92
N VAL A 100 -10.32 -21.47 5.03
CA VAL A 100 -9.87 -22.17 6.25
C VAL A 100 -11.01 -22.96 6.90
N THR A 101 -12.23 -22.51 6.72
CA THR A 101 -13.37 -23.20 7.33
C THR A 101 -13.98 -24.26 6.42
N GLU A 102 -13.67 -24.26 5.13
CA GLU A 102 -14.34 -25.09 4.11
C GLU A 102 -15.81 -24.79 4.06
N ASP A 103 -16.20 -23.59 4.46
CA ASP A 103 -17.58 -23.14 4.42
C ASP A 103 -17.69 -22.02 3.38
N GLN A 104 -18.41 -22.30 2.28
CA GLN A 104 -18.50 -21.40 1.12
C GLN A 104 -19.29 -20.13 1.31
N ARG A 105 -19.98 -20.00 2.44
CA ARG A 105 -20.89 -18.88 2.60
C ARG A 105 -20.12 -17.54 2.64
N TYR A 106 -18.91 -17.57 3.21
CA TYR A 106 -18.17 -16.28 3.30
C TYR A 106 -17.77 -15.73 1.92
N GLN A 107 -17.11 -16.58 1.15
CA GLN A 107 -16.74 -16.25 -0.26
C GLN A 107 -17.99 -15.90 -1.08
N LEU A 108 -19.10 -16.60 -0.87
CA LEU A 108 -20.31 -16.26 -1.61
C LEU A 108 -20.89 -14.89 -1.27
N GLU A 109 -20.76 -14.47 -0.02
CA GLU A 109 -21.20 -13.15 0.37
C GLU A 109 -20.23 -12.10 -0.23
N ALA A 110 -18.93 -12.40 -0.30
CA ALA A 110 -17.96 -11.49 -1.00
C ALA A 110 -18.40 -11.31 -2.48
N VAL A 111 -18.78 -12.44 -3.11
CA VAL A 111 -19.31 -12.38 -4.49
C VAL A 111 -20.55 -11.52 -4.59
N ARG A 112 -21.51 -11.74 -3.68
CA ARG A 112 -22.71 -10.94 -3.65
C ARG A 112 -22.50 -9.41 -3.53
N ILE A 113 -21.65 -9.01 -2.60
CA ILE A 113 -21.30 -7.59 -2.43
C ILE A 113 -20.65 -7.05 -3.74
N THR A 114 -19.68 -7.80 -4.21
CA THR A 114 -18.85 -7.35 -5.34
C THR A 114 -19.73 -7.23 -6.60
N ARG A 115 -20.57 -8.23 -6.82
CA ARG A 115 -21.39 -8.26 -8.04
C ARG A 115 -22.36 -7.07 -7.99
N TYR A 116 -22.87 -6.72 -6.82
CA TYR A 116 -23.82 -5.58 -6.75
C TYR A 116 -23.10 -4.23 -7.02
N PHE A 117 -21.91 -4.06 -6.40
CA PHE A 117 -21.08 -2.89 -6.65
C PHE A 117 -20.81 -2.75 -8.16
N MET A 118 -20.36 -3.83 -8.79
CA MET A 118 -19.95 -3.77 -10.19
C MET A 118 -21.16 -3.64 -11.13
N ASP A 119 -22.32 -4.18 -10.73
CA ASP A 119 -23.57 -3.91 -11.49
C ASP A 119 -24.04 -2.49 -11.41
N ASN A 120 -23.65 -1.76 -10.38
CA ASN A 120 -24.27 -0.48 -10.13
C ASN A 120 -23.43 0.75 -10.12
N PHE A 121 -22.12 0.61 -9.82
CA PHE A 121 -21.33 1.76 -9.42
C PHE A 121 -20.03 1.89 -10.22
N ILE A 122 -20.11 1.55 -11.50
CA ILE A 122 -19.08 1.81 -12.46
C ILE A 122 -19.50 2.91 -13.44
N ALA A 123 -18.65 3.92 -13.62
CA ALA A 123 -18.87 4.94 -14.67
C ALA A 123 -18.99 4.34 -16.08
N ASP A 124 -19.55 5.12 -17.03
CA ASP A 124 -19.61 4.66 -18.42
C ASP A 124 -18.25 4.33 -19.00
N ASN A 125 -17.18 5.00 -18.52
CA ASN A 125 -15.83 4.79 -19.10
C ASN A 125 -15.07 3.60 -18.54
N GLY A 126 -15.67 2.94 -17.53
CA GLY A 126 -15.12 1.70 -16.97
C GLY A 126 -14.47 1.92 -15.59
N LEU A 127 -14.34 3.17 -15.16
CA LEU A 127 -13.77 3.50 -13.82
C LEU A 127 -14.82 3.25 -12.72
N PHE A 128 -14.37 2.62 -11.63
CA PHE A 128 -15.25 2.45 -10.46
C PHE A 128 -15.46 3.77 -9.77
N TYR A 129 -16.65 3.92 -9.18
CA TYR A 129 -16.85 5.00 -8.22
C TYR A 129 -16.34 4.66 -6.82
N TRP A 130 -15.10 5.02 -6.54
CA TRP A 130 -14.41 4.63 -5.29
C TRP A 130 -13.12 5.46 -5.20
N GLY A 131 -12.34 5.24 -4.14
CA GLY A 131 -11.00 5.84 -4.06
C GLY A 131 -10.97 7.10 -3.24
N GLY A 132 -9.88 7.83 -3.40
CA GLY A 132 -9.56 8.95 -2.51
C GLY A 132 -10.54 10.14 -2.53
N HIS A 133 -11.29 10.30 -3.61
CA HIS A 133 -12.13 11.53 -3.79
C HIS A 133 -13.47 11.14 -4.34
N ARG A 134 -13.88 9.86 -4.18
CA ARG A 134 -15.23 9.49 -4.58
C ARG A 134 -15.75 8.28 -3.78
N PHE A 135 -17.01 8.30 -3.36
CA PHE A 135 -17.58 7.11 -2.72
C PHE A 135 -19.10 7.09 -2.89
N VAL A 136 -19.74 6.02 -2.41
CA VAL A 136 -21.20 5.86 -2.52
C VAL A 136 -21.88 6.15 -1.15
N ASN A 137 -22.92 7.00 -1.13
CA ASN A 137 -23.74 7.22 0.07
C ASN A 137 -24.43 5.89 0.43
N LEU A 138 -24.10 5.30 1.60
CA LEU A 138 -24.63 3.94 1.90
C LEU A 138 -26.21 3.93 2.06
N ASP A 139 -26.73 5.06 2.51
CA ASP A 139 -28.19 5.19 2.78
C ASP A 139 -28.98 5.64 1.56
N THR A 140 -28.40 6.43 0.68
CA THR A 140 -29.19 6.95 -0.46
C THR A 140 -28.75 6.38 -1.80
N LEU A 141 -27.57 5.75 -1.83
CA LEU A 141 -26.95 5.23 -3.09
C LEU A 141 -26.55 6.31 -4.09
N GLU A 142 -26.60 7.58 -3.68
CA GLU A 142 -26.09 8.67 -4.50
C GLU A 142 -24.55 8.62 -4.45
N LEU A 143 -23.88 9.11 -5.51
CA LEU A 143 -22.43 9.36 -5.45
C LEU A 143 -22.08 10.51 -4.56
N GLU A 144 -20.96 10.40 -3.87
CA GLU A 144 -20.49 11.49 -3.04
C GLU A 144 -19.13 11.95 -3.48
N GLY A 145 -18.86 13.25 -3.33
CA GLY A 145 -17.57 13.87 -3.69
C GLY A 145 -17.12 14.64 -2.47
N PRO A 146 -16.27 14.03 -1.62
CA PRO A 146 -15.85 14.66 -0.35
C PRO A 146 -15.11 15.97 -0.58
N GLN A 147 -14.53 16.09 -1.77
CA GLN A 147 -13.78 17.28 -2.15
C GLN A 147 -14.56 18.06 -3.22
N ASN A 148 -15.05 19.24 -2.84
CA ASN A 148 -15.75 20.16 -3.76
C ASN A 148 -14.99 20.39 -5.07
N LYS A 149 -15.70 20.21 -6.21
CA LYS A 149 -15.19 20.43 -7.58
C LYS A 149 -14.07 19.47 -7.94
N ASN A 150 -13.99 18.36 -7.22
CA ASN A 150 -12.94 17.37 -7.49
C ASN A 150 -13.49 15.95 -7.33
N SER A 151 -14.57 15.67 -8.03
CA SER A 151 -15.13 14.35 -8.11
C SER A 151 -14.39 13.51 -9.15
N VAL A 152 -13.30 12.86 -8.70
CA VAL A 152 -12.40 12.23 -9.61
C VAL A 152 -12.02 10.84 -9.07
N HIS A 153 -11.42 10.01 -9.92
CA HIS A 153 -10.91 8.68 -9.53
C HIS A 153 -9.47 8.82 -9.06
N GLU A 154 -9.18 8.52 -7.78
CA GLU A 154 -7.83 8.63 -7.25
C GLU A 154 -7.46 7.31 -6.47
N LEU A 155 -6.35 6.70 -6.83
CA LEU A 155 -5.72 5.61 -6.06
C LEU A 155 -4.30 6.00 -5.68
N LYS A 156 -3.78 5.32 -4.66
CA LYS A 156 -2.45 5.60 -4.18
C LYS A 156 -2.00 4.37 -3.38
N ASN A 157 -1.29 3.46 -4.04
CA ASN A 157 -0.88 2.16 -3.44
C ASN A 157 -2.12 1.44 -2.84
N HIS A 158 -3.21 1.41 -3.61
CA HIS A 158 -4.44 0.72 -3.15
C HIS A 158 -4.40 -0.77 -3.39
N TYR A 159 -3.77 -1.19 -4.50
CA TYR A 159 -3.62 -2.62 -4.85
C TYR A 159 -4.89 -3.46 -4.65
N PRO A 160 -5.91 -3.18 -5.47
CA PRO A 160 -7.21 -3.92 -5.41
C PRO A 160 -7.06 -5.41 -5.58
N TYR A 161 -8.12 -6.12 -5.19
CA TYR A 161 -8.07 -7.57 -5.18
C TYR A 161 -8.46 -8.07 -6.59
N TYR A 162 -7.62 -7.74 -7.58
CA TYR A 162 -7.98 -8.08 -8.97
C TYR A 162 -8.41 -9.50 -9.30
N PRO A 163 -7.69 -10.53 -8.84
CA PRO A 163 -8.07 -11.87 -9.21
C PRO A 163 -9.49 -12.21 -8.76
N PHE A 164 -9.93 -11.63 -7.64
CA PHE A 164 -11.28 -11.98 -7.17
C PHE A 164 -12.26 -11.13 -7.96
N LEU A 165 -11.91 -9.88 -8.20
CA LEU A 165 -12.82 -9.01 -8.96
C LEU A 165 -13.02 -9.66 -10.38
N TYR A 166 -11.95 -10.21 -10.93
CA TYR A 166 -11.97 -10.84 -12.25
C TYR A 166 -12.90 -12.09 -12.20
N HIS A 167 -12.74 -12.88 -11.17
CA HIS A 167 -13.65 -13.96 -10.87
C HIS A 167 -15.12 -13.55 -10.83
N VAL A 168 -15.48 -12.42 -10.24
CA VAL A 168 -16.87 -12.00 -10.14
C VAL A 168 -17.35 -11.44 -11.49
N ASP A 169 -16.55 -10.60 -12.16
CA ASP A 169 -16.98 -9.99 -13.41
C ASP A 169 -15.79 -9.67 -14.31
N PRO A 170 -15.35 -10.64 -15.13
CA PRO A 170 -14.09 -10.49 -15.88
C PRO A 170 -14.14 -9.32 -16.87
N HIS A 171 -15.32 -9.01 -17.40
CA HIS A 171 -15.42 -8.01 -18.44
C HIS A 171 -15.27 -6.63 -17.80
N ALA A 172 -15.94 -6.41 -16.68
CA ALA A 172 -15.81 -5.17 -15.96
C ALA A 172 -14.36 -4.97 -15.41
N THR A 173 -13.69 -6.05 -15.02
CA THR A 173 -12.33 -5.97 -14.44
C THR A 173 -11.32 -5.66 -15.54
N GLU A 174 -11.45 -6.33 -16.68
CA GLU A 174 -10.67 -5.90 -17.90
CA GLU A 174 -10.66 -5.92 -17.88
C GLU A 174 -10.90 -4.44 -18.24
N ARG A 175 -12.16 -4.01 -18.39
CA ARG A 175 -12.41 -2.60 -18.69
C ARG A 175 -11.85 -1.64 -17.64
N TYR A 176 -11.98 -2.02 -16.36
CA TYR A 176 -11.42 -1.17 -15.31
C TYR A 176 -9.90 -0.92 -15.49
N ILE A 177 -9.11 -1.98 -15.61
CA ILE A 177 -7.66 -1.84 -15.75
C ILE A 177 -7.29 -0.96 -16.97
N LYS A 178 -7.97 -1.21 -18.10
CA LYS A 178 -7.75 -0.38 -19.33
C LYS A 178 -8.17 1.07 -19.12
N ALA A 179 -9.25 1.28 -18.36
CA ALA A 179 -9.73 2.64 -18.08
C ALA A 179 -8.81 3.33 -17.09
N PHE A 180 -8.23 2.56 -16.17
CA PHE A 180 -7.35 3.17 -15.12
C PHE A 180 -6.11 3.75 -15.88
N TRP A 181 -5.46 2.93 -16.69
CA TRP A 181 -4.30 3.40 -17.49
C TRP A 181 -4.72 4.59 -18.39
N GLN A 182 -5.83 4.45 -19.10
CA GLN A 182 -6.29 5.51 -20.04
C GLN A 182 -6.54 6.83 -19.32
N ALA A 183 -7.09 6.81 -18.10
CA ALA A 183 -7.41 8.01 -17.42
C ALA A 183 -6.24 8.60 -16.69
N HIS A 184 -5.24 7.81 -16.34
CA HIS A 184 -4.15 8.40 -15.51
C HIS A 184 -2.87 8.66 -16.28
N VAL A 185 -2.66 8.00 -17.42
CA VAL A 185 -1.38 8.25 -18.15
C VAL A 185 -1.60 9.54 -18.99
N GLU A 186 -0.87 10.60 -18.66
CA GLU A 186 -1.08 11.85 -19.32
C GLU A 186 -0.28 11.89 -20.63
N ASP A 187 0.83 11.15 -20.69
CA ASP A 187 1.77 11.34 -21.80
C ASP A 187 2.39 10.00 -22.02
N TRP A 188 2.17 9.43 -23.20
CA TRP A 188 2.72 8.09 -23.48
C TRP A 188 4.19 7.99 -23.84
N GLN A 189 4.91 9.10 -23.76
CA GLN A 189 6.38 9.01 -23.88
CA GLN A 189 6.35 9.12 -23.90
C GLN A 189 7.06 9.36 -22.56
N SER A 190 6.53 10.29 -21.78
CA SER A 190 7.21 10.62 -20.52
C SER A 190 6.67 9.78 -19.37
N LEU A 191 5.48 9.21 -19.58
CA LEU A 191 4.74 8.41 -18.54
C LEU A 191 4.46 9.24 -17.31
N ASP A 192 4.27 10.55 -17.50
CA ASP A 192 3.69 11.38 -16.47
C ASP A 192 2.32 10.78 -16.14
N MET A 193 2.02 10.60 -14.84
CA MET A 193 0.75 9.98 -14.38
C MET A 193 0.02 10.98 -13.53
N GLY A 194 -1.24 11.26 -13.89
CA GLY A 194 -2.06 12.19 -13.12
C GLY A 194 -2.63 11.38 -11.95
N ARG A 195 -2.88 12.05 -10.84
CA ARG A 195 -3.51 11.41 -9.68
C ARG A 195 -5.02 11.45 -9.79
N HIS A 196 -5.55 12.45 -10.51
CA HIS A 196 -6.99 12.68 -10.45
C HIS A 196 -7.65 12.27 -11.75
N GLY A 197 -8.09 11.03 -11.85
CA GLY A 197 -8.59 10.49 -13.13
C GLY A 197 -10.00 10.94 -13.42
N SER A 198 -10.26 11.30 -14.68
CA SER A 198 -11.57 11.91 -14.98
C SER A 198 -12.64 10.84 -15.27
N TYR A 199 -13.80 10.96 -14.63
CA TYR A 199 -14.93 10.10 -14.99
C TYR A 199 -15.52 10.43 -16.41
N SER A 200 -15.04 11.49 -17.05
CA SER A 200 -15.43 11.85 -18.45
C SER A 200 -14.42 11.42 -19.49
N LYS A 201 -13.33 10.77 -19.10
CA LYS A 201 -12.31 10.40 -20.08
C LYS A 201 -12.91 9.29 -20.90
N ASN A 202 -12.77 9.29 -22.24
CA ASN A 202 -13.27 8.13 -23.02
C ASN A 202 -12.51 6.82 -22.89
N TYR A 203 -13.25 5.73 -22.75
CA TYR A 203 -12.73 4.40 -22.71
C TYR A 203 -12.02 4.09 -24.00
N ASP A 204 -10.93 3.33 -23.94
CA ASP A 204 -10.26 2.83 -25.14
C ASP A 204 -9.80 1.40 -24.98
N ASP A 205 -10.49 0.51 -25.68
CA ASP A 205 -10.22 -0.91 -25.57
C ASP A 205 -8.82 -1.24 -26.04
N LYS A 206 -8.21 -0.36 -26.82
CA LYS A 206 -6.91 -0.71 -27.41
C LYS A 206 -5.76 0.09 -26.79
N VAL A 207 -6.03 0.67 -25.60
CA VAL A 207 -5.01 1.37 -24.79
C VAL A 207 -3.63 0.67 -24.77
N PHE A 208 -3.53 -0.64 -24.54
CA PHE A 208 -2.21 -1.26 -24.36
C PHE A 208 -1.56 -1.64 -25.72
N HIS A 209 -2.31 -1.41 -26.79
CA HIS A 209 -1.76 -1.67 -28.15
C HIS A 209 -0.77 -0.57 -28.65
N ARG A 210 -0.76 0.62 -28.03
CA ARG A 210 0.38 1.57 -28.28
C ARG A 210 1.75 0.92 -28.16
N PRO A 211 2.64 1.26 -29.10
CA PRO A 211 3.96 0.65 -29.10
C PRO A 211 4.80 1.24 -27.93
N ILE A 212 5.73 0.44 -27.43
CA ILE A 212 6.57 0.81 -26.26
C ILE A 212 7.57 1.83 -26.79
N PRO A 213 7.68 3.00 -26.16
CA PRO A 213 8.65 4.05 -26.61
C PRO A 213 10.09 3.82 -26.10
N ALA A 214 11.03 4.67 -26.51
CA ALA A 214 12.40 4.62 -25.93
C ALA A 214 12.32 5.13 -24.45
N SER A 215 13.31 4.80 -23.64
CA SER A 215 13.48 5.39 -22.33
C SER A 215 14.00 6.86 -22.49
N LEU A 216 13.53 7.77 -21.63
CA LEU A 216 14.06 9.12 -21.55
C LEU A 216 15.29 9.12 -20.68
N VAL A 217 15.53 8.04 -19.95
CA VAL A 217 16.56 8.13 -18.93
C VAL A 217 17.99 8.09 -19.50
N ASP A 218 18.74 9.18 -19.33
CA ASP A 218 20.09 9.21 -19.87
C ASP A 218 21.01 8.84 -18.76
N GLN A 219 21.58 7.63 -18.82
CA GLN A 219 22.37 7.15 -17.68
C GLN A 219 23.62 7.96 -17.36
N SER A 220 24.21 8.62 -18.37
CA SER A 220 25.46 9.35 -18.08
C SER A 220 25.16 10.68 -17.35
N LYS A 221 23.90 11.12 -17.30
CA LYS A 221 23.51 12.31 -16.55
C LYS A 221 23.06 12.04 -15.11
N LEU A 222 22.74 10.79 -14.77
CA LEU A 222 22.30 10.49 -13.34
C LEU A 222 23.36 10.96 -12.33
N PRO A 223 22.99 11.59 -11.19
CA PRO A 223 21.68 11.46 -10.54
C PRO A 223 20.68 12.50 -11.03
N ILE A 224 21.07 13.36 -11.99
CA ILE A 224 20.09 14.24 -12.60
C ILE A 224 19.18 13.42 -13.52
N MET A 225 17.88 13.66 -13.48
CA MET A 225 16.96 12.85 -14.30
C MET A 225 16.34 13.75 -15.33
N PRO A 226 15.73 13.16 -16.37
CA PRO A 226 15.00 13.94 -17.41
C PRO A 226 13.95 14.86 -16.80
N GLU A 227 13.78 16.07 -17.33
CA GLU A 227 12.72 16.97 -16.89
C GLU A 227 11.51 16.84 -17.74
N THR A 228 10.36 16.59 -17.11
CA THR A 228 9.09 16.48 -17.81
C THR A 228 8.15 17.18 -16.86
N LYS A 229 6.91 16.71 -16.69
CA LYS A 229 6.13 17.22 -15.55
C LYS A 229 6.59 16.62 -14.20
N GLY A 230 7.42 15.58 -14.26
CA GLY A 230 8.01 14.94 -13.08
C GLY A 230 6.98 14.07 -12.33
N LEU A 231 5.89 13.66 -13.00
CA LEU A 231 4.80 12.94 -12.29
C LEU A 231 5.01 11.41 -12.36
N THR A 232 6.12 10.94 -11.85
CA THR A 232 6.45 9.53 -12.02
C THR A 232 6.74 8.89 -10.64
N PHE A 233 6.09 9.42 -9.60
CA PHE A 233 6.32 8.89 -8.24
C PHE A 233 5.94 7.39 -8.24
N ILE A 234 6.70 6.58 -7.51
CA ILE A 234 6.44 5.13 -7.42
C ILE A 234 5.12 4.87 -6.68
N ASN A 235 4.61 5.84 -5.90
CA ASN A 235 3.29 5.62 -5.25
C ASN A 235 2.14 5.98 -6.19
N ALA A 236 2.44 6.20 -7.49
CA ALA A 236 1.43 6.21 -8.58
C ALA A 236 1.77 5.05 -9.51
N GLY A 237 3.08 4.85 -9.78
CA GLY A 237 3.49 3.92 -10.82
C GLY A 237 3.16 2.48 -10.35
N SER A 238 3.27 2.21 -9.03
CA SER A 238 3.22 0.84 -8.53
C SER A 238 1.80 0.26 -8.82
N ASP A 239 0.72 0.99 -8.58
CA ASP A 239 -0.65 0.42 -8.84
C ASP A 239 -0.82 0.19 -10.35
N LEU A 240 -0.32 1.12 -11.17
CA LEU A 240 -0.42 0.89 -12.64
C LEU A 240 0.29 -0.34 -13.13
N ILE A 241 1.49 -0.57 -12.63
CA ILE A 241 2.32 -1.74 -12.98
C ILE A 241 1.56 -3.00 -12.53
N TYR A 242 1.09 -2.99 -11.28
CA TYR A 242 0.36 -4.13 -10.73
C TYR A 242 -0.87 -4.45 -11.62
N ALA A 243 -1.63 -3.43 -11.99
CA ALA A 243 -2.88 -3.65 -12.75
C ALA A 243 -2.59 -4.21 -14.13
N ALA A 244 -1.56 -3.71 -14.79
CA ALA A 244 -1.24 -4.13 -16.18
C ALA A 244 -0.79 -5.57 -16.14
N TYR A 245 0.00 -5.92 -15.12
CA TYR A 245 0.45 -7.30 -15.05
C TYR A 245 -0.67 -8.28 -14.64
N GLN A 246 -1.61 -7.82 -13.84
CA GLN A 246 -2.77 -8.69 -13.48
C GLN A 246 -3.73 -8.83 -14.70
N LEU A 247 -3.82 -7.82 -15.50
CA LEU A 247 -4.60 -8.01 -16.76
C LEU A 247 -3.97 -9.13 -17.62
N ASP A 248 -2.65 -9.06 -17.80
CA ASP A 248 -1.97 -10.08 -18.58
C ASP A 248 -2.18 -11.44 -17.95
N TRP A 249 -2.06 -11.51 -16.63
CA TRP A 249 -2.16 -12.77 -15.96
C TRP A 249 -3.59 -13.38 -16.04
N LEU A 250 -4.61 -12.55 -15.91
CA LEU A 250 -5.98 -13.00 -15.70
C LEU A 250 -6.75 -13.25 -16.99
N ALA A 251 -6.49 -12.41 -17.98
CA ALA A 251 -7.41 -12.32 -19.15
C ALA A 251 -6.83 -13.09 -20.34
N PRO A 252 -7.72 -13.53 -21.31
CA PRO A 252 -7.24 -14.07 -22.61
C PRO A 252 -6.21 -13.16 -23.32
N SER A 253 -5.34 -13.79 -24.12
CA SER A 253 -4.31 -13.12 -24.91
C SER A 253 -4.76 -11.90 -25.61
N ALA A 254 -5.87 -11.98 -26.33
CA ALA A 254 -6.24 -10.90 -27.23
C ALA A 254 -6.69 -9.71 -26.43
N ASN A 255 -7.40 -9.99 -25.34
CA ASN A 255 -7.97 -8.93 -24.52
C ASN A 255 -6.80 -8.20 -23.79
N ALA A 256 -5.74 -8.92 -23.53
CA ALA A 256 -4.65 -8.41 -22.64
C ALA A 256 -3.41 -8.01 -23.43
N GLN A 257 -3.52 -8.06 -24.78
CA GLN A 257 -2.38 -7.72 -25.66
C GLN A 257 -1.72 -6.38 -25.25
N GLY A 258 -0.39 -6.40 -25.10
CA GLY A 258 0.34 -5.16 -24.83
C GLY A 258 0.51 -4.87 -23.31
N SER A 259 -0.35 -5.48 -22.47
CA SER A 259 -0.42 -5.01 -21.04
C SER A 259 0.85 -5.39 -20.28
N ALA A 260 1.37 -6.60 -20.43
CA ALA A 260 2.58 -7.00 -19.76
C ALA A 260 3.76 -6.18 -20.28
N ALA A 261 3.82 -5.96 -21.60
CA ALA A 261 4.88 -5.08 -22.12
C ALA A 261 4.86 -3.63 -21.49
N TRP A 262 3.70 -3.04 -21.31
CA TRP A 262 3.59 -1.66 -20.76
C TRP A 262 3.91 -1.67 -19.26
N GLY A 263 3.43 -2.72 -18.57
CA GLY A 263 3.87 -2.92 -17.14
C GLY A 263 5.36 -3.06 -17.02
N GLN A 264 5.98 -3.87 -17.91
CA GLN A 264 7.41 -4.02 -17.89
C GLN A 264 8.13 -2.68 -18.19
N TYR A 265 7.66 -1.95 -19.18
CA TYR A 265 8.35 -0.66 -19.56
C TYR A 265 8.36 0.27 -18.32
N LEU A 266 7.19 0.44 -17.73
CA LEU A 266 7.04 1.37 -16.60
C LEU A 266 7.89 0.92 -15.41
N MET A 267 7.82 -0.36 -15.06
CA MET A 267 8.67 -0.88 -13.96
C MET A 267 10.17 -0.66 -14.23
N THR A 268 10.58 -0.89 -15.49
CA THR A 268 11.98 -0.75 -15.89
C THR A 268 12.50 0.70 -15.76
N GLN A 269 11.64 1.68 -16.01
CA GLN A 269 12.11 3.11 -15.96
C GLN A 269 12.72 3.41 -14.55
N TYR A 270 12.08 2.85 -13.49
CA TYR A 270 12.65 3.07 -12.12
C TYR A 270 13.99 2.48 -11.93
N LYS A 271 14.17 1.29 -12.53
CA LYS A 271 15.42 0.58 -12.46
C LYS A 271 16.53 1.32 -13.23
N LEU A 272 16.17 1.86 -14.40
CA LEU A 272 17.19 2.57 -15.23
C LEU A 272 17.71 3.83 -14.57
N ALA A 273 16.88 4.45 -13.70
CA ALA A 273 17.25 5.65 -13.00
C ALA A 273 17.89 5.43 -11.60
N LYS A 274 18.17 4.19 -11.20
CA LYS A 274 18.82 3.92 -9.96
C LYS A 274 20.18 4.60 -9.88
N HIS A 275 20.61 4.89 -8.68
CA HIS A 275 21.90 5.64 -8.54
C HIS A 275 23.08 4.91 -9.21
N PRO A 276 23.82 5.60 -10.07
CA PRO A 276 24.77 4.86 -10.94
C PRO A 276 26.00 4.35 -10.22
N LYS A 277 26.31 4.87 -9.03
CA LYS A 277 27.41 4.39 -8.29
C LYS A 277 26.98 3.37 -7.20
N THR A 278 25.87 3.62 -6.48
CA THR A 278 25.50 2.74 -5.32
C THR A 278 24.48 1.69 -5.71
N GLY A 279 23.83 1.86 -6.84
CA GLY A 279 22.76 0.97 -7.20
C GLY A 279 21.50 1.19 -6.37
N ALA A 280 21.47 2.20 -5.48
CA ALA A 280 20.28 2.36 -4.60
C ALA A 280 19.07 2.73 -5.48
N PRO A 281 17.88 2.18 -5.14
CA PRO A 281 16.68 2.49 -5.90
C PRO A 281 16.22 3.97 -5.68
N VAL A 282 15.40 4.44 -6.61
CA VAL A 282 14.87 5.81 -6.59
C VAL A 282 13.36 5.88 -6.52
N TYR A 283 12.88 7.08 -6.15
CA TYR A 283 11.45 7.22 -5.87
C TYR A 283 10.70 7.54 -7.16
N GLN A 284 11.39 8.13 -8.15
CA GLN A 284 10.74 8.46 -9.44
C GLN A 284 11.89 8.56 -10.48
N PHE A 285 11.52 8.63 -11.75
CA PHE A 285 12.56 8.55 -12.81
C PHE A 285 12.60 9.83 -13.64
N THR A 286 11.78 10.82 -13.27
CA THR A 286 11.85 12.15 -13.95
C THR A 286 11.68 13.24 -12.88
N SER A 287 12.13 14.48 -13.16
CA SER A 287 11.86 15.66 -12.33
C SER A 287 10.96 16.60 -13.09
N PRO A 288 10.28 17.45 -12.35
CA PRO A 288 9.45 18.49 -12.92
C PRO A 288 10.30 19.62 -13.48
N LYS A 289 9.96 20.03 -14.68
CA LYS A 289 10.56 21.24 -15.26
C LYS A 289 10.17 22.49 -14.46
N LYS A 290 11.09 23.47 -14.43
CA LYS A 290 10.74 24.84 -13.95
C LYS A 290 10.01 25.59 -15.05
N ARG A 291 8.70 25.66 -14.93
CA ARG A 291 7.85 25.98 -16.06
C ARG A 291 7.24 27.34 -15.77
N GLU A 292 7.10 27.73 -14.50
CA GLU A 292 6.54 29.07 -14.13
C GLU A 292 7.40 29.69 -13.06
N TRP A 293 7.24 30.99 -12.84
CA TRP A 293 8.06 31.70 -11.86
C TRP A 293 7.34 33.01 -11.57
N PRO A 294 7.38 33.55 -10.33
CA PRO A 294 8.10 33.02 -9.19
C PRO A 294 7.12 32.27 -8.27
N PRO A 295 7.65 31.44 -7.37
CA PRO A 295 6.76 30.87 -6.34
C PRO A 295 6.41 31.98 -5.36
N GLN A 296 5.34 31.83 -4.63
CA GLN A 296 5.02 32.84 -3.61
C GLN A 296 6.04 32.90 -2.44
N SER A 297 6.65 31.77 -2.06
CA SER A 297 7.69 31.75 -1.06
C SER A 297 8.30 30.33 -1.14
N ASP A 298 9.25 30.03 -0.26
CA ASP A 298 9.80 28.65 -0.14
C ASP A 298 8.71 27.57 0.19
N LYS A 299 7.62 27.99 0.81
CA LYS A 299 6.54 27.06 1.14
C LYS A 299 5.61 26.82 0.01
N ASP A 300 5.78 27.54 -1.10
CA ASP A 300 4.88 27.31 -2.26
C ASP A 300 5.57 26.22 -3.10
N THR A 301 5.09 24.96 -3.01
CA THR A 301 5.90 23.80 -3.46
C THR A 301 5.26 23.14 -4.65
N ASN A 302 4.40 23.90 -5.36
CA ASN A 302 3.83 23.41 -6.63
C ASN A 302 4.98 22.97 -7.58
N SER A 303 4.86 21.80 -8.20
CA SER A 303 5.99 21.26 -9.00
C SER A 303 6.24 22.13 -10.30
N LYS A 304 5.33 23.01 -10.63
CA LYS A 304 5.52 23.87 -11.84
C LYS A 304 6.67 24.85 -11.66
N TYR A 305 7.15 25.00 -10.42
CA TYR A 305 8.28 25.89 -10.12
C TYR A 305 9.56 25.12 -10.16
N GLY A 306 9.46 23.85 -10.50
CA GLY A 306 10.73 23.09 -10.64
C GLY A 306 10.91 22.02 -9.55
N ASP A 307 11.99 21.29 -9.65
CA ASP A 307 12.22 20.15 -8.75
C ASP A 307 12.33 20.67 -7.31
N ARG A 308 11.54 20.08 -6.43
CA ARG A 308 11.40 20.56 -5.01
C ARG A 308 12.58 20.22 -4.15
N ALA A 309 13.28 19.11 -4.46
CA ALA A 309 14.44 18.79 -3.71
C ALA A 309 15.55 19.78 -4.09
N ALA A 310 15.66 20.12 -5.37
CA ALA A 310 16.76 21.03 -5.82
C ALA A 310 16.52 22.38 -5.12
N ARG A 311 15.26 22.80 -5.01
CA ARG A 311 14.94 24.03 -4.27
C ARG A 311 15.33 23.99 -2.82
N GLN A 312 14.94 22.93 -2.11
CA GLN A 312 15.20 22.89 -0.64
C GLN A 312 16.59 22.47 -0.23
N PHE A 313 17.22 21.53 -0.98
CA PHE A 313 18.51 20.96 -0.63
C PHE A 313 19.67 21.31 -1.58
N GLY A 314 19.32 21.69 -2.81
CA GLY A 314 20.32 21.92 -3.90
C GLY A 314 21.47 22.85 -3.54
N PRO A 315 21.20 23.97 -2.85
CA PRO A 315 22.27 24.91 -2.46
C PRO A 315 23.37 24.23 -1.65
N GLU A 316 23.02 23.36 -0.71
CA GLU A 316 24.07 22.66 0.01
C GLU A 316 24.54 21.35 -0.66
N LEU A 317 23.67 20.61 -1.31
CA LEU A 317 24.02 19.23 -1.70
C LEU A 317 24.32 19.03 -3.17
N GLY A 318 23.88 19.94 -4.05
CA GLY A 318 24.26 19.82 -5.47
C GLY A 318 23.33 18.91 -6.26
N ASN A 319 23.91 18.21 -7.26
CA ASN A 319 23.16 17.48 -8.23
C ASN A 319 22.39 16.28 -7.63
N ILE A 320 22.86 15.72 -6.48
CA ILE A 320 22.07 14.59 -5.85
C ILE A 320 20.64 15.09 -5.47
N ALA A 321 20.49 16.41 -5.21
CA ALA A 321 19.20 16.92 -4.70
C ALA A 321 18.20 17.05 -5.84
N ARG A 322 17.59 15.91 -6.23
CA ARG A 322 16.48 15.89 -7.16
C ARG A 322 15.48 14.92 -6.52
N GLU A 323 14.23 15.06 -6.88
CA GLU A 323 13.14 14.36 -6.10
C GLU A 323 13.30 12.84 -6.05
N GLY A 324 13.71 12.25 -7.18
CA GLY A 324 13.84 10.77 -7.21
C GLY A 324 14.91 10.24 -6.30
N ASN A 325 15.90 11.07 -5.96
CA ASN A 325 16.98 10.63 -5.10
C ASN A 325 16.72 10.80 -3.61
N VAL A 326 15.57 11.34 -3.25
CA VAL A 326 15.23 11.44 -1.79
C VAL A 326 14.62 10.10 -1.27
N LEU A 327 15.27 9.48 -0.31
CA LEU A 327 14.82 8.17 0.19
C LEU A 327 14.33 8.35 1.69
N PHE A 328 14.01 9.56 2.08
CA PHE A 328 13.43 9.77 3.45
C PHE A 328 12.08 10.40 3.29
N LYS A 329 11.47 10.77 4.42
CA LYS A 329 10.14 11.33 4.38
C LYS A 329 9.15 10.34 3.77
N SER A 330 9.31 9.06 4.21
CA SER A 330 8.46 7.93 3.72
C SER A 330 8.62 7.50 2.27
N ASN A 331 9.47 8.19 1.52
CA ASN A 331 9.77 7.69 0.17
C ASN A 331 10.33 6.27 0.23
N ASP A 332 11.17 5.98 1.23
CA ASP A 332 11.81 4.65 1.33
C ASP A 332 10.71 3.61 1.57
N LYS A 333 9.72 3.93 2.41
CA LYS A 333 8.64 2.98 2.61
C LYS A 333 7.93 2.59 1.29
N SER A 334 7.59 3.55 0.44
CA SER A 334 6.91 3.19 -0.82
C SER A 334 7.82 2.32 -1.71
N ILE A 335 9.14 2.45 -1.57
CA ILE A 335 10.08 1.69 -2.41
C ILE A 335 10.36 0.32 -1.79
N VAL A 336 10.82 0.28 -0.53
CA VAL A 336 11.33 -0.99 0.07
C VAL A 336 10.24 -1.82 0.77
N PHE A 337 9.05 -1.24 0.91
CA PHE A 337 7.96 -1.98 1.51
C PHE A 337 6.87 -2.17 0.45
N ASN A 338 6.11 -1.11 0.08
CA ASN A 338 4.94 -1.31 -0.76
C ASN A 338 5.33 -1.85 -2.13
N ASN A 339 6.22 -1.13 -2.82
CA ASN A 339 6.46 -1.60 -4.21
C ASN A 339 7.31 -2.88 -4.22
N ALA A 340 8.16 -3.04 -3.20
CA ALA A 340 8.91 -4.28 -3.11
C ALA A 340 7.97 -5.49 -2.99
N LEU A 341 6.93 -5.41 -2.18
CA LEU A 341 5.97 -6.51 -2.06
C LEU A 341 5.28 -6.78 -3.38
N ILE A 342 4.89 -5.73 -4.09
CA ILE A 342 4.26 -5.94 -5.38
C ILE A 342 5.24 -6.68 -6.34
N GLU A 343 6.49 -6.23 -6.42
CA GLU A 343 7.41 -6.78 -7.44
C GLU A 343 7.75 -8.21 -7.06
N LEU A 344 7.92 -8.48 -5.77
CA LEU A 344 8.13 -9.86 -5.35
C LEU A 344 6.94 -10.74 -5.65
N HIS A 345 5.74 -10.24 -5.45
CA HIS A 345 4.54 -11.01 -5.76
C HIS A 345 4.48 -11.34 -7.28
N LEU A 346 4.79 -10.37 -8.11
CA LEU A 346 4.80 -10.57 -9.58
C LEU A 346 5.95 -11.50 -10.00
N ALA A 347 7.10 -11.40 -9.35
CA ALA A 347 8.19 -12.30 -9.70
C ALA A 347 7.76 -13.75 -9.48
N GLU A 348 7.15 -14.00 -8.32
CA GLU A 348 6.71 -15.32 -7.92
C GLU A 348 5.55 -15.81 -8.79
N GLN A 349 4.57 -14.93 -9.04
CA GLN A 349 3.40 -15.31 -9.81
C GLN A 349 3.83 -15.75 -11.24
N ARG A 350 4.74 -14.99 -11.82
CA ARG A 350 5.13 -15.14 -13.20
C ARG A 350 6.34 -16.03 -13.40
N ASN A 351 6.91 -16.49 -12.31
CA ASN A 351 8.16 -17.20 -12.27
C ASN A 351 9.24 -16.42 -13.08
N ASP A 352 9.40 -15.15 -12.73
CA ASP A 352 10.24 -14.20 -13.50
C ASP A 352 11.48 -13.83 -12.73
N ALA A 353 12.60 -14.44 -13.05
CA ALA A 353 13.86 -14.25 -12.34
C ALA A 353 14.48 -12.83 -12.49
N ALA A 354 14.23 -12.16 -13.60
CA ALA A 354 14.75 -10.83 -13.83
C ALA A 354 14.02 -9.84 -12.90
N ILE A 355 12.69 -9.94 -12.77
CA ILE A 355 11.97 -9.08 -11.74
C ILE A 355 12.59 -9.34 -10.37
N ARG A 356 12.72 -10.64 -10.03
CA ARG A 356 13.28 -11.01 -8.75
C ARG A 356 14.69 -10.47 -8.47
N GLU A 357 15.65 -10.73 -9.35
CA GLU A 357 17.01 -10.22 -9.09
C GLU A 357 17.00 -8.69 -8.95
N GLN A 358 16.21 -8.00 -9.74
CA GLN A 358 16.22 -6.54 -9.61
C GLN A 358 15.65 -6.04 -8.28
N VAL A 359 14.64 -6.74 -7.76
CA VAL A 359 14.13 -6.38 -6.41
C VAL A 359 15.18 -6.64 -5.38
N VAL A 360 15.79 -7.83 -5.39
CA VAL A 360 16.77 -8.18 -4.40
C VAL A 360 17.92 -7.19 -4.42
N ASP A 361 18.36 -6.86 -5.63
CA ASP A 361 19.48 -5.91 -5.76
C ASP A 361 19.14 -4.53 -5.19
N ALA A 362 17.90 -4.11 -5.43
CA ALA A 362 17.45 -2.83 -4.92
C ALA A 362 17.43 -2.83 -3.38
N LEU A 363 16.88 -3.91 -2.78
CA LEU A 363 16.80 -3.99 -1.28
C LEU A 363 18.21 -3.99 -0.74
N LEU A 364 19.10 -4.82 -1.32
CA LEU A 364 20.42 -4.90 -0.75
C LEU A 364 21.15 -3.57 -0.83
N ASN A 365 21.02 -2.93 -1.97
CA ASN A 365 21.80 -1.67 -2.22
C ASN A 365 21.25 -0.54 -1.33
N PHE A 366 19.94 -0.58 -1.09
CA PHE A 366 19.36 0.41 -0.10
C PHE A 366 19.86 0.15 1.29
N TYR A 367 19.74 -1.11 1.76
CA TYR A 367 20.16 -1.34 3.15
C TYR A 367 21.67 -1.21 3.38
N ARG A 368 22.50 -1.43 2.35
CA ARG A 368 23.93 -1.20 2.57
C ARG A 368 24.21 0.25 2.90
N LEU A 369 23.40 1.15 2.39
CA LEU A 369 23.62 2.61 2.61
C LEU A 369 22.86 3.11 3.85
N ALA A 370 21.68 2.57 4.13
CA ALA A 370 20.74 3.20 5.10
C ALA A 370 20.65 2.44 6.42
N TYR A 371 21.02 1.15 6.45
CA TYR A 371 20.70 0.37 7.65
C TYR A 371 21.78 0.47 8.67
N ASN A 372 21.41 0.59 9.96
CA ASN A 372 22.40 0.54 11.03
C ASN A 372 22.22 -0.73 11.86
N PRO A 373 23.13 -1.69 11.70
CA PRO A 373 22.91 -2.99 12.35
C PRO A 373 23.14 -2.92 13.85
N GLU A 374 23.76 -1.87 14.38
CA GLU A 374 23.91 -1.76 15.83
C GLU A 374 22.62 -1.50 16.55
N ASN A 375 21.62 -0.93 15.90
CA ASN A 375 20.38 -0.63 16.60
C ASN A 375 19.17 -0.91 15.78
N GLY A 376 19.33 -1.34 14.54
CA GLY A 376 18.15 -1.68 13.75
C GLY A 376 17.48 -0.47 13.14
N THR A 377 18.16 0.67 13.04
CA THR A 377 17.47 1.83 12.48
C THR A 377 17.78 2.02 11.00
N ILE A 378 16.95 2.84 10.33
CA ILE A 378 17.11 3.18 8.90
C ILE A 378 17.46 4.69 8.87
N LYS A 379 18.65 5.04 8.38
CA LYS A 379 19.03 6.48 8.25
C LYS A 379 18.27 7.19 7.14
N PRO A 380 18.03 8.54 7.28
CA PRO A 380 17.42 9.32 6.20
C PRO A 380 18.51 9.74 5.18
N ILE A 381 18.42 9.19 3.98
CA ILE A 381 19.50 9.33 3.05
C ILE A 381 19.02 9.72 1.66
N PHE A 382 19.96 10.25 0.88
CA PHE A 382 19.76 10.31 -0.60
C PHE A 382 20.36 9.05 -1.25
N SER A 383 20.01 8.80 -2.55
CA SER A 383 20.36 7.53 -3.20
C SER A 383 21.87 7.38 -3.40
N ASP A 384 22.66 8.45 -3.26
CA ASP A 384 24.15 8.30 -3.26
C ASP A 384 24.70 7.97 -1.87
N GLY A 385 23.81 7.85 -0.86
CA GLY A 385 24.29 7.49 0.49
C GLY A 385 24.49 8.67 1.45
N THR A 386 24.34 9.90 0.96
CA THR A 386 24.52 11.09 1.79
C THR A 386 23.39 11.07 2.83
N SER A 387 23.76 11.20 4.10
CA SER A 387 22.78 11.20 5.22
C SER A 387 22.46 12.64 5.70
N ILE A 388 21.21 12.93 5.97
CA ILE A 388 20.89 14.18 6.64
C ILE A 388 20.49 13.94 8.09
N GLU A 389 20.83 12.78 8.61
CA GLU A 389 20.46 12.38 9.98
C GLU A 389 20.81 13.50 10.99
N GLY A 390 19.81 14.03 11.70
CA GLY A 390 20.09 14.98 12.78
C GLY A 390 20.25 16.42 12.30
N ILE A 391 20.29 16.67 10.99
CA ILE A 391 20.61 18.04 10.53
C ILE A 391 19.33 18.88 10.28
N PRO A 392 19.16 20.00 11.01
CA PRO A 392 17.89 20.73 10.86
C PRO A 392 17.84 21.25 9.41
N LEU A 393 16.68 21.17 8.76
CA LEU A 393 16.55 21.65 7.40
C LEU A 393 16.94 23.16 7.37
N ALA A 394 17.65 23.56 6.33
CA ALA A 394 18.17 24.96 6.21
C ALA A 394 17.12 25.97 5.81
N ARG A 395 16.04 25.55 5.16
CA ARG A 395 15.00 26.43 4.71
C ARG A 395 13.73 25.64 4.56
N ASP A 396 12.60 26.32 4.45
CA ASP A 396 11.33 25.65 4.22
C ASP A 396 11.31 25.02 2.83
N GLY A 397 10.41 24.04 2.66
CA GLY A 397 10.18 23.48 1.32
C GLY A 397 9.27 22.26 1.46
N TYR A 398 9.25 21.49 0.40
CA TYR A 398 8.36 20.37 0.25
C TYR A 398 8.66 19.31 1.32
N TYR A 399 9.90 19.19 1.77
CA TYR A 399 10.22 18.07 2.68
C TYR A 399 10.09 18.53 4.14
N GLY A 400 9.63 19.76 4.35
CA GLY A 400 9.42 20.14 5.77
C GLY A 400 9.74 21.63 5.97
N PRO A 401 9.33 22.19 7.12
CA PRO A 401 9.73 23.56 7.48
C PRO A 401 11.17 23.65 7.82
N LYS A 402 11.72 24.87 7.75
CA LYS A 402 13.05 25.09 8.24
C LYS A 402 13.14 24.62 9.74
N GLY A 403 14.24 23.96 10.07
CA GLY A 403 14.44 23.41 11.45
C GLY A 403 13.94 21.99 11.68
N ARG A 404 13.16 21.43 10.74
CA ARG A 404 12.76 20.02 10.86
CA ARG A 404 12.75 20.01 10.80
C ARG A 404 14.00 19.14 10.91
N VAL A 405 13.93 18.07 11.70
CA VAL A 405 15.02 17.17 11.84
C VAL A 405 14.49 15.81 11.51
N PHE A 406 15.22 15.07 10.66
CA PHE A 406 14.89 13.65 10.37
C PHE A 406 15.93 12.83 11.16
N ASN A 407 15.45 11.99 12.07
CA ASN A 407 16.32 11.07 12.84
C ASN A 407 16.34 9.71 12.13
N ALA A 408 17.31 8.86 12.49
CA ALA A 408 17.24 7.44 12.03
C ALA A 408 15.96 6.85 12.63
N HIS A 409 15.20 6.07 11.85
CA HIS A 409 13.86 5.61 12.25
CA HIS A 409 13.88 5.62 12.26
C HIS A 409 13.92 4.09 12.43
N LYS A 410 13.23 3.54 13.42
CA LYS A 410 13.02 2.04 13.39
C LYS A 410 11.55 1.81 13.43
N PRO A 411 10.93 1.29 12.33
CA PRO A 411 9.46 1.29 12.27
C PRO A 411 8.88 0.52 13.48
N LYS A 412 7.62 0.86 13.81
CA LYS A 412 7.01 0.29 15.05
C LYS A 412 6.84 -1.23 14.91
N THR A 413 6.49 -1.66 13.69
CA THR A 413 6.20 -3.07 13.45
C THR A 413 7.08 -3.58 12.28
N GLU A 414 7.05 -4.88 12.05
CA GLU A 414 8.01 -5.54 11.12
C GLU A 414 7.64 -5.37 9.63
N GLU A 415 7.10 -4.21 9.24
CA GLU A 415 6.76 -4.02 7.85
C GLU A 415 7.98 -4.29 6.95
N TYR A 416 9.12 -3.72 7.28
CA TYR A 416 10.25 -3.71 6.30
C TYR A 416 10.90 -5.12 6.25
N LEU A 417 10.73 -5.87 7.31
CA LEU A 417 11.15 -7.27 7.36
C LEU A 417 10.49 -8.17 6.32
N LEU A 418 9.18 -7.98 6.11
CA LEU A 418 8.46 -8.91 5.24
C LEU A 418 9.02 -9.08 3.80
N PRO A 419 9.34 -7.96 3.12
CA PRO A 419 9.93 -8.06 1.78
C PRO A 419 11.28 -8.78 1.81
N ILE A 420 12.07 -8.58 2.87
CA ILE A 420 13.38 -9.21 2.95
C ILE A 420 13.16 -10.74 3.04
N LEU A 421 12.20 -11.16 3.84
CA LEU A 421 11.88 -12.60 3.98
C LEU A 421 11.27 -13.14 2.71
N ARG A 422 10.37 -12.41 2.06
CA ARG A 422 9.83 -12.94 0.81
C ARG A 422 10.89 -13.06 -0.29
N ALA A 423 11.82 -12.10 -0.29
CA ALA A 423 12.89 -12.10 -1.27
C ALA A 423 13.75 -13.33 -0.98
N TYR A 424 14.15 -13.54 0.28
CA TYR A 424 14.97 -14.71 0.67
C TYR A 424 14.29 -16.02 0.24
N ARG A 425 12.99 -16.11 0.47
CA ARG A 425 12.28 -17.34 0.09
C ARG A 425 12.36 -17.57 -1.46
N LEU A 426 12.45 -16.50 -2.24
CA LEU A 426 12.65 -16.66 -3.69
C LEU A 426 14.11 -16.87 -4.13
N GLN A 427 15.05 -16.24 -3.43
CA GLN A 427 16.48 -16.24 -3.81
C GLN A 427 17.23 -16.22 -2.51
N ALA A 428 17.79 -17.36 -2.08
CA ALA A 428 18.45 -17.51 -0.77
C ALA A 428 19.79 -16.74 -0.54
N ASP A 429 19.75 -15.44 -0.49
CA ASP A 429 21.00 -14.69 -0.35
C ASP A 429 21.39 -14.55 1.10
N PRO A 430 22.63 -14.93 1.47
CA PRO A 430 23.00 -14.91 2.86
C PRO A 430 23.05 -13.50 3.47
N GLU A 431 23.14 -12.49 2.63
CA GLU A 431 23.17 -11.14 3.16
C GLU A 431 21.71 -10.75 3.54
N LEU A 432 20.72 -11.21 2.75
CA LEU A 432 19.31 -11.04 3.19
C LEU A 432 19.11 -11.74 4.50
N TRP A 433 19.61 -13.00 4.62
CA TRP A 433 19.45 -13.70 5.88
C TRP A 433 20.06 -12.89 7.05
N GLN A 434 21.28 -12.36 6.91
CA GLN A 434 21.91 -11.61 7.99
C GLN A 434 21.06 -10.34 8.34
N LEU A 435 20.48 -9.73 7.35
CA LEU A 435 19.67 -8.52 7.58
C LEU A 435 18.40 -8.95 8.37
N ALA A 436 17.76 -10.06 7.94
CA ALA A 436 16.52 -10.50 8.63
C ALA A 436 16.85 -10.88 10.08
N ALA A 437 17.96 -11.58 10.31
CA ALA A 437 18.34 -11.97 11.68
C ALA A 437 18.59 -10.74 12.52
N ASN A 438 19.24 -9.74 11.91
CA ASN A 438 19.53 -8.52 12.71
C ASN A 438 18.22 -7.71 13.02
N MET A 439 17.36 -7.57 12.03
CA MET A 439 16.07 -6.88 12.23
C MET A 439 15.23 -7.59 13.31
N THR A 440 15.11 -8.92 13.21
CA THR A 440 14.25 -9.64 14.17
C THR A 440 14.84 -9.55 15.56
N HIS A 441 16.17 -9.52 15.65
CA HIS A 441 16.83 -9.33 16.93
C HIS A 441 16.42 -8.00 17.58
N HIS A 442 16.43 -6.94 16.77
CA HIS A 442 16.06 -5.68 17.30
C HIS A 442 14.57 -5.51 17.51
N TYR A 443 13.73 -6.33 16.87
CA TYR A 443 12.33 -6.36 17.16
C TYR A 443 11.98 -7.22 18.44
N GLY A 444 12.98 -7.80 19.08
CA GLY A 444 12.74 -8.53 20.32
C GLY A 444 12.33 -9.98 20.06
N TRP A 445 12.54 -10.51 18.86
CA TRP A 445 12.07 -11.89 18.55
C TRP A 445 12.96 -12.96 19.15
N GLY A 446 14.19 -12.58 19.53
CA GLY A 446 15.24 -13.54 19.89
C GLY A 446 16.18 -13.78 18.70
N SER A 447 16.69 -15.02 18.54
CA SER A 447 17.72 -15.36 17.53
C SER A 447 17.21 -16.31 16.47
N LEU A 448 17.31 -15.89 15.19
CA LEU A 448 16.89 -16.80 14.13
C LEU A 448 18.01 -17.85 13.97
N GLY A 449 19.23 -17.48 14.34
CA GLY A 449 20.46 -18.31 14.12
C GLY A 449 21.25 -17.89 12.88
N ASN A 450 22.39 -18.54 12.64
CA ASN A 450 23.38 -18.03 11.70
C ASN A 450 23.01 -18.33 10.30
N ASP A 451 22.15 -19.31 10.07
CA ASP A 451 21.62 -19.48 8.69
C ASP A 451 20.29 -20.19 8.75
N ALA A 452 19.68 -20.38 7.57
CA ALA A 452 18.29 -20.90 7.49
C ALA A 452 18.19 -22.37 7.90
N LYS A 453 19.34 -23.04 8.09
CA LYS A 453 19.26 -24.41 8.61
C LYS A 453 19.24 -24.41 10.15
N ALA A 454 19.50 -23.28 10.82
CA ALA A 454 19.56 -23.26 12.30
C ALA A 454 18.19 -23.55 12.90
N LYS A 455 18.15 -24.06 14.11
CA LYS A 455 16.88 -24.09 14.82
C LYS A 455 16.86 -22.76 15.62
N PRO A 456 15.80 -21.94 15.47
CA PRO A 456 15.83 -20.59 16.07
C PRO A 456 15.62 -20.70 17.58
N THR A 457 15.99 -19.67 18.35
CA THR A 457 15.66 -19.52 19.78
C THR A 457 14.78 -18.26 19.90
N LEU A 458 13.47 -18.45 19.84
CA LEU A 458 12.54 -17.30 19.69
C LEU A 458 11.90 -16.92 21.04
N ASN A 459 11.50 -15.67 21.14
CA ASN A 459 10.90 -15.09 22.35
C ASN A 459 9.40 -15.39 22.35
N MET A 460 8.96 -16.37 23.16
CA MET A 460 7.54 -16.73 23.19
C MET A 460 6.72 -15.82 24.12
N GLN A 461 7.37 -14.87 24.78
CA GLN A 461 6.68 -13.87 25.59
C GLN A 461 6.71 -12.49 24.94
N LEU A 462 7.03 -12.40 23.65
CA LEU A 462 7.17 -11.07 23.02
C LEU A 462 5.88 -10.35 23.15
N SER A 463 5.87 -9.18 23.76
CA SER A 463 4.60 -8.49 23.92
C SER A 463 4.26 -7.45 22.87
N SER A 464 5.18 -6.97 22.05
CA SER A 464 4.70 -6.04 21.03
C SER A 464 4.61 -6.85 19.78
N VAL A 465 3.38 -7.08 19.36
CA VAL A 465 3.13 -7.91 18.20
C VAL A 465 2.30 -7.12 17.25
N SER A 466 2.32 -7.51 15.99
CA SER A 466 1.48 -6.85 15.00
C SER A 466 1.06 -7.87 13.95
N PRO A 467 0.16 -7.51 13.02
CA PRO A 467 -0.10 -8.42 11.89
C PRO A 467 1.20 -8.81 11.14
N MET A 468 2.13 -7.84 11.03
CA MET A 468 3.42 -8.09 10.35
C MET A 468 4.22 -9.15 11.09
N THR A 469 4.07 -9.28 12.42
CA THR A 469 4.77 -10.38 13.13
C THR A 469 4.34 -11.72 12.58
N LEU A 470 3.03 -11.86 12.40
CA LEU A 470 2.44 -13.15 11.96
C LEU A 470 2.85 -13.41 10.49
N PHE A 471 2.73 -12.41 9.60
CA PHE A 471 3.07 -12.70 8.19
C PHE A 471 4.55 -13.07 8.11
N SER A 472 5.38 -12.40 8.90
CA SER A 472 6.82 -12.65 8.79
C SER A 472 7.14 -14.06 9.37
N ALA A 473 6.54 -14.37 10.51
CA ALA A 473 6.81 -15.72 11.12
C ALA A 473 6.36 -16.85 10.19
N ILE A 474 5.22 -16.67 9.51
CA ILE A 474 4.78 -17.62 8.53
C ILE A 474 5.77 -17.74 7.38
N GLU A 475 6.26 -16.60 6.85
CA GLU A 475 7.35 -16.72 5.81
C GLU A 475 8.55 -17.50 6.32
N LEU A 476 8.96 -17.27 7.56
CA LEU A 476 10.12 -17.97 8.01
C LEU A 476 9.82 -19.46 8.22
N TYR A 477 8.62 -19.76 8.66
CA TYR A 477 8.21 -21.20 8.62
C TYR A 477 8.28 -21.80 7.18
N GLN A 478 7.78 -21.08 6.17
CA GLN A 478 7.81 -21.66 4.82
C GLN A 478 9.26 -21.85 4.38
N ILE A 479 10.10 -20.89 4.77
CA ILE A 479 11.55 -20.98 4.46
C ILE A 479 12.26 -22.16 5.14
N THR A 480 12.12 -22.27 6.45
CA THR A 480 13.02 -23.08 7.25
C THR A 480 12.32 -24.43 7.58
N GLN A 481 11.00 -24.48 7.44
CA GLN A 481 10.20 -25.62 7.98
C GLN A 481 10.40 -25.87 9.51
N GLN A 482 10.86 -24.89 10.29
CA GLN A 482 11.06 -25.08 11.70
C GLN A 482 9.78 -24.78 12.50
N PRO A 483 9.20 -25.81 13.13
CA PRO A 483 7.96 -25.59 13.90
C PRO A 483 8.07 -24.58 15.02
N GLU A 484 9.24 -24.31 15.53
CA GLU A 484 9.39 -23.17 16.43
C GLU A 484 8.73 -21.87 15.91
N TYR A 485 8.76 -21.59 14.60
CA TYR A 485 8.16 -20.34 14.10
C TYR A 485 6.64 -20.39 14.26
N LEU A 486 6.08 -21.58 14.21
CA LEU A 486 4.61 -21.68 14.40
C LEU A 486 4.23 -21.54 15.87
N GLU A 487 5.05 -22.08 16.77
CA GLU A 487 4.88 -21.82 18.22
C GLU A 487 4.89 -20.32 18.51
N PHE A 488 5.92 -19.66 17.97
CA PHE A 488 6.07 -18.21 18.09
C PHE A 488 4.88 -17.45 17.51
N ALA A 489 4.43 -17.84 16.31
CA ALA A 489 3.35 -17.11 15.69
C ALA A 489 2.04 -17.33 16.48
N ARG A 490 1.80 -18.54 16.94
CA ARG A 490 0.58 -18.82 17.72
C ARG A 490 0.53 -17.94 19.00
N ALA A 491 1.65 -17.86 19.72
CA ALA A 491 1.69 -17.04 20.91
C ALA A 491 1.46 -15.56 20.56
N ALA A 492 2.15 -15.09 19.52
CA ALA A 492 1.92 -13.72 19.03
C ALA A 492 0.49 -13.49 18.61
N ALA A 493 -0.13 -14.43 17.85
CA ALA A 493 -1.52 -14.24 17.38
C ALA A 493 -2.47 -14.14 18.61
N ASP A 494 -2.22 -14.94 19.64
CA ASP A 494 -3.07 -14.85 20.88
C ASP A 494 -3.00 -13.46 21.52
N LYS A 495 -1.79 -12.93 21.61
CA LYS A 495 -1.58 -11.54 22.05
C LYS A 495 -2.20 -10.51 21.16
N LEU A 496 -2.13 -10.73 19.84
CA LEU A 496 -2.76 -9.84 18.90
C LEU A 496 -4.30 -9.72 19.10
N VAL A 497 -4.98 -10.87 19.30
CA VAL A 497 -6.39 -10.86 19.51
C VAL A 497 -6.67 -10.19 20.86
N GLU A 498 -5.88 -10.54 21.86
CA GLU A 498 -6.11 -9.97 23.20
C GLU A 498 -6.00 -8.43 23.20
N LYS A 499 -5.04 -7.85 22.48
CA LYS A 499 -4.84 -6.39 22.42
C LYS A 499 -5.73 -5.64 21.39
N ARG A 500 -6.01 -6.23 20.22
CA ARG A 500 -6.65 -5.46 19.15
C ARG A 500 -8.08 -5.84 18.92
N PHE A 501 -8.53 -6.99 19.41
CA PHE A 501 -9.93 -7.31 19.17
C PHE A 501 -10.78 -6.68 20.33
N VAL A 502 -11.49 -5.59 20.05
CA VAL A 502 -11.99 -4.69 21.10
C VAL A 502 -13.40 -4.32 20.63
N ARG A 503 -14.41 -4.60 21.46
CA ARG A 503 -15.80 -4.23 21.18
C ARG A 503 -16.25 -4.83 19.84
N GLY A 504 -15.76 -6.03 19.55
CA GLY A 504 -16.32 -6.77 18.39
C GLY A 504 -15.60 -6.45 17.04
N TYR A 505 -14.59 -5.55 17.09
CA TYR A 505 -13.84 -5.14 15.89
C TYR A 505 -12.36 -5.14 16.17
N PHE A 506 -11.54 -4.90 15.12
CA PHE A 506 -10.12 -4.80 15.29
C PHE A 506 -9.68 -3.32 15.27
N LEU A 507 -9.01 -2.88 16.33
CA LEU A 507 -8.66 -1.47 16.51
C LEU A 507 -7.21 -1.41 16.88
N ALA A 508 -6.52 -0.39 16.35
CA ALA A 508 -5.09 -0.21 16.60
C ALA A 508 -4.86 0.33 18.05
N ASN A 509 -5.88 0.91 18.67
CA ASN A 509 -5.73 1.45 20.04
C ASN A 509 -7.12 1.24 20.65
N PRO A 510 -7.21 0.69 21.89
CA PRO A 510 -8.59 0.42 22.42
C PRO A 510 -9.37 1.70 22.72
N ARG A 511 -8.68 2.84 22.79
CA ARG A 511 -9.42 4.13 22.98
C ARG A 511 -10.09 4.62 21.75
N TYR A 512 -9.76 4.10 20.57
CA TYR A 512 -10.45 4.58 19.38
C TYR A 512 -11.91 4.25 19.31
N LEU A 513 -12.68 5.21 18.80
CA LEU A 513 -14.12 5.11 18.66
C LEU A 513 -14.56 4.30 17.45
N ASN A 514 -13.88 4.49 16.33
CA ASN A 514 -14.44 3.98 15.06
C ASN A 514 -13.53 2.93 14.41
N ALA A 515 -14.10 1.81 13.96
CA ALA A 515 -13.29 0.70 13.44
C ALA A 515 -13.38 0.75 11.91
N SER A 516 -12.28 0.49 11.21
CA SER A 516 -12.30 0.33 9.74
C SER A 516 -12.47 -1.11 9.37
N ILE A 517 -13.33 -1.42 8.42
CA ILE A 517 -13.42 -2.80 7.98
C ILE A 517 -12.29 -3.22 7.02
N ASP A 518 -11.34 -2.34 6.80
CA ASP A 518 -10.14 -2.78 6.04
C ASP A 518 -9.01 -3.26 6.95
N ALA A 519 -9.29 -3.46 8.23
CA ALA A 519 -8.27 -4.00 9.18
C ALA A 519 -7.59 -5.27 8.57
N ILE A 520 -6.30 -5.40 8.81
CA ILE A 520 -5.62 -6.58 8.24
CA ILE A 520 -5.50 -6.52 8.27
C ILE A 520 -5.39 -7.69 9.26
N GLU A 521 -5.66 -7.43 10.54
CA GLU A 521 -5.53 -8.49 11.56
C GLU A 521 -6.28 -9.77 11.12
N PRO A 522 -7.51 -9.66 10.57
CA PRO A 522 -8.24 -10.86 10.15
C PRO A 522 -7.49 -11.64 9.10
N LEU A 523 -7.07 -10.97 8.02
CA LEU A 523 -6.19 -11.71 7.07
C LEU A 523 -4.98 -12.33 7.72
N ALA A 524 -4.25 -11.60 8.58
CA ALA A 524 -3.07 -12.20 9.17
C ALA A 524 -3.48 -13.44 10.02
N LEU A 525 -4.54 -13.26 10.85
CA LEU A 525 -5.01 -14.42 11.68
C LEU A 525 -5.41 -15.62 10.86
N LEU A 526 -6.13 -15.36 9.76
CA LEU A 526 -6.58 -16.49 8.92
C LEU A 526 -5.44 -17.09 8.12
N THR A 527 -4.41 -16.29 7.84
CA THR A 527 -3.25 -16.87 7.07
C THR A 527 -2.53 -17.84 8.04
N LEU A 528 -2.41 -17.45 9.31
CA LEU A 528 -1.82 -18.37 10.25
C LEU A 528 -2.68 -19.65 10.38
N ASP A 529 -4.00 -19.46 10.44
CA ASP A 529 -4.87 -20.65 10.57
C ASP A 529 -4.71 -21.54 9.32
N ALA A 530 -4.66 -20.92 8.14
CA ALA A 530 -4.38 -21.69 6.91
C ALA A 530 -3.08 -22.47 7.02
N THR A 531 -2.02 -21.89 7.60
CA THR A 531 -0.72 -22.50 7.66
C THR A 531 -0.84 -23.70 8.62
N LEU A 532 -1.54 -23.53 9.73
CA LEU A 532 -1.76 -24.69 10.65
C LEU A 532 -2.51 -25.84 9.97
N LYS A 533 -3.34 -25.55 8.96
CA LYS A 533 -4.14 -26.54 8.27
C LYS A 533 -3.45 -26.92 6.93
N GLY A 534 -2.19 -26.56 6.76
CA GLY A 534 -1.45 -26.83 5.49
C GLY A 534 -2.02 -26.22 4.23
N LYS A 535 -2.69 -25.08 4.31
CA LYS A 535 -3.33 -24.44 3.13
C LYS A 535 -2.79 -23.00 2.79
N THR A 536 -1.60 -22.63 3.25
CA THR A 536 -1.16 -21.22 3.16
C THR A 536 -1.31 -20.61 1.77
N ALA A 537 -0.83 -21.38 0.78
CA ALA A 537 -0.83 -20.97 -0.61
C ALA A 537 -2.25 -20.65 -1.11
N GLN A 538 -3.29 -21.10 -0.41
CA GLN A 538 -4.61 -20.90 -0.95
C GLN A 538 -5.23 -19.55 -0.54
N VAL A 539 -4.63 -18.84 0.40
CA VAL A 539 -5.20 -17.57 0.90
CA VAL A 539 -5.27 -17.57 0.83
C VAL A 539 -4.68 -16.38 0.10
N ALA A 540 -5.49 -15.34 -0.11
CA ALA A 540 -5.04 -14.12 -0.82
C ALA A 540 -3.77 -13.57 -0.14
N PRO A 541 -2.75 -13.23 -0.92
CA PRO A 541 -1.55 -12.74 -0.21
C PRO A 541 -1.73 -11.26 0.21
N TYR A 542 -1.05 -10.92 1.30
CA TYR A 542 -1.06 -9.54 1.78
C TYR A 542 -0.06 -8.77 0.87
N LEU A 543 -0.53 -7.67 0.29
CA LEU A 543 0.25 -6.88 -0.66
C LEU A 543 0.50 -5.44 -0.20
N SER A 544 -0.05 -5.07 0.98
CA SER A 544 0.16 -3.76 1.64
C SER A 544 -0.72 -2.68 1.08
N GLY A 545 -1.79 -3.05 0.37
CA GLY A 545 -2.69 -2.00 -0.10
C GLY A 545 -3.52 -1.36 1.00
N SER A 546 -3.84 -0.07 0.88
CA SER A 546 -4.73 0.51 1.88
C SER A 546 -5.44 1.69 1.21
N GLY A 547 -6.43 2.23 1.89
CA GLY A 547 -7.24 3.31 1.29
C GLY A 547 -7.44 4.45 2.28
N TYR A 548 -8.06 5.55 1.80
CA TYR A 548 -8.31 6.77 2.62
C TYR A 548 -9.30 7.59 1.76
N ILE A 549 -9.89 8.63 2.39
CA ILE A 549 -10.77 9.56 1.69
C ILE A 549 -10.26 10.94 2.06
N HIS A 550 -10.19 11.82 1.06
CA HIS A 550 -9.60 13.12 1.24
C HIS A 550 -10.59 14.18 0.69
N GLY A 551 -10.91 15.17 1.50
CA GLY A 551 -11.75 16.30 1.03
C GLY A 551 -11.94 17.28 2.18
N GLU A 552 -13.07 18.00 2.17
CA GLU A 552 -13.35 18.95 3.26
C GLU A 552 -14.26 18.25 4.29
N PHE A 553 -13.83 18.24 5.53
CA PHE A 553 -14.57 17.54 6.59
C PHE A 553 -14.99 18.59 7.59
N ALA A 554 -16.29 18.84 7.74
CA ALA A 554 -16.75 19.87 8.71
C ALA A 554 -15.96 21.17 8.53
N GLY A 555 -15.33 21.61 9.60
CA GLY A 555 -14.56 22.87 9.63
C GLY A 555 -13.21 22.82 8.92
N LYS A 556 -12.81 21.64 8.42
CA LYS A 556 -11.40 21.43 8.07
C LYS A 556 -11.26 21.24 6.57
N GLU A 557 -10.48 22.10 5.93
CA GLU A 557 -10.38 22.09 4.49
C GLU A 557 -9.61 20.89 3.92
N ASN A 558 -8.51 20.55 4.55
CA ASN A 558 -7.68 19.56 3.88
C ASN A 558 -7.65 18.32 4.82
N ALA A 559 -8.68 17.48 4.70
CA ALA A 559 -8.88 16.47 5.75
C ALA A 559 -8.89 15.06 5.20
N TYR A 560 -8.39 14.12 6.00
CA TYR A 560 -8.48 12.68 5.63
C TYR A 560 -9.38 11.95 6.67
N ASP A 561 -10.18 11.01 6.20
CA ASP A 561 -10.93 10.12 7.12
C ASP A 561 -10.04 9.38 8.15
N THR A 562 -8.82 9.07 7.74
CA THR A 562 -7.80 8.48 8.59
C THR A 562 -7.68 9.20 9.90
N ASN A 563 -7.73 10.53 9.88
CA ASN A 563 -7.65 11.28 11.09
C ASN A 563 -9.04 11.66 11.59
N GLU A 564 -9.86 12.27 10.73
CA GLU A 564 -11.13 12.90 11.16
C GLU A 564 -12.13 11.86 11.66
N ILE A 565 -12.01 10.63 11.14
CA ILE A 565 -12.83 9.52 11.61
C ILE A 565 -12.06 8.51 12.48
N TYR A 566 -11.02 7.89 11.92
CA TYR A 566 -10.46 6.69 12.51
C TYR A 566 -9.50 6.95 13.66
N LYS A 567 -9.18 8.21 13.92
CA LYS A 567 -8.37 8.55 15.12
C LYS A 567 -9.18 9.24 16.24
N GLN A 568 -10.47 9.39 16.04
CA GLN A 568 -11.36 9.90 17.11
C GLN A 568 -11.37 8.91 18.32
N THR A 569 -11.48 9.47 19.52
CA THR A 569 -11.42 8.61 20.71
C THR A 569 -12.82 8.57 21.30
N ARG A 570 -13.09 7.53 22.08
CA ARG A 570 -14.45 7.26 22.53
C ARG A 570 -14.68 8.06 23.83
N HIS B 1 -8.02 20.04 -6.25
CA HIS B 1 -8.67 20.97 -7.25
C HIS B 1 -10.20 20.97 -7.11
N HIS B 2 -10.86 22.10 -6.81
CA HIS B 2 -10.29 23.46 -6.82
C HIS B 2 -9.37 23.79 -5.62
N HIS B 3 -9.50 23.09 -4.48
CA HIS B 3 -8.41 23.19 -3.48
C HIS B 3 -7.19 22.24 -3.71
N HIS B 4 -6.08 22.88 -4.09
CA HIS B 4 -4.85 22.20 -4.53
C HIS B 4 -4.18 21.48 -3.36
N HIS B 5 -3.62 20.30 -3.64
CA HIS B 5 -3.06 19.47 -2.58
C HIS B 5 -2.03 18.56 -3.19
N HIS B 6 -1.08 18.15 -2.37
CA HIS B 6 -0.11 17.14 -2.83
C HIS B 6 -0.58 15.67 -2.51
N HIS B 7 0.22 14.70 -2.97
CA HIS B 7 -0.04 13.27 -2.76
C HIS B 7 1.32 12.60 -2.38
N SER B 8 2.14 13.32 -1.61
CA SER B 8 3.50 12.87 -1.26
C SER B 8 3.38 11.65 -0.37
N SER B 9 4.44 10.86 -0.32
CA SER B 9 4.58 9.80 0.68
C SER B 9 4.52 10.43 2.10
N GLY B 10 3.82 9.78 3.01
CA GLY B 10 3.80 10.22 4.41
C GLY B 10 2.72 11.26 4.68
N LEU B 11 1.94 11.60 3.67
CA LEU B 11 0.96 12.68 3.83
C LEU B 11 -0.36 12.21 4.50
N VAL B 12 -0.85 11.04 4.10
CA VAL B 12 -2.04 10.46 4.72
C VAL B 12 -1.65 10.08 6.18
N PRO B 13 -2.38 10.62 7.19
CA PRO B 13 -1.83 10.60 8.59
C PRO B 13 -2.08 9.31 9.35
N ARG B 14 -1.50 8.23 8.88
CA ARG B 14 -1.59 6.91 9.53
C ARG B 14 -1.19 6.95 11.02
N GLY B 15 -1.78 6.05 11.81
CA GLY B 15 -1.43 5.91 13.23
C GLY B 15 0.02 5.49 13.43
N SER B 16 0.58 4.81 12.43
CA SER B 16 1.99 4.35 12.47
C SER B 16 3.04 5.51 12.46
N HIS B 17 2.62 6.75 12.18
CA HIS B 17 3.54 7.93 12.09
C HIS B 17 4.09 8.40 13.46
N ALA B 18 5.39 8.70 13.49
CA ALA B 18 6.02 9.44 14.57
C ALA B 18 6.14 10.91 14.08
#